data_4YVJ
#
_entry.id   4YVJ
#
_cell.length_a   87.400
_cell.length_b   87.400
_cell.length_c   229.000
_cell.angle_alpha   90.00
_cell.angle_beta   90.00
_cell.angle_gamma   90.00
#
_symmetry.space_group_name_H-M   'P 41 21 2'
#
loop_
_entity.id
_entity.type
_entity.pdbx_description
1 polymer 'tRNA (guanine-N(1)-)-methyltransferase'
2 polymer tRNA
3 non-polymer SINEFUNGIN
#
loop_
_entity_poly.entity_id
_entity_poly.type
_entity_poly.pdbx_seq_one_letter_code
_entity_poly.pdbx_strand_id
1 'polypeptide(L)'
;MGSSHHHHHHSSGLVPRGSHMWIGVISLFPEMFKAITEFGVTGRAVKHNLLKVECWNPRDFTFDKHKTVDDRPYGGGPGM
LMMVQPLRDAIHTAKAAAGEGAKVIYLSPQGRKLDQGGVTELAQNQKLILVCGRYEGIDERLIQTEIDEEWSIGDYVLTG
GELPAMTLIDAVARFIPGVLGKQASAEEDSFADGLLDCPHYTRPEVLEGLTVPPVLMSGHHEEIRKWRLKQSLQRTWLRR
PELLEGLALTDEQRKLLKEAQAEHNS
;
A,B
2 'polyribonucleotide' UGGGAGGUCGUCUAACGGUAGGACGGCGGACUCUUGAUCCGCUGGUGGAGGUUCGAGUCCUCCCCUCCCAGCCA C
#
loop_
_chem_comp.id
_chem_comp.type
_chem_comp.name
_chem_comp.formula
A RNA linking ADENOSINE-5'-MONOPHOSPHATE 'C10 H14 N5 O7 P'
C RNA linking CYTIDINE-5'-MONOPHOSPHATE 'C9 H14 N3 O8 P'
G RNA linking GUANOSINE-5'-MONOPHOSPHATE 'C10 H14 N5 O8 P'
SFG non-polymer SINEFUNGIN 'C15 H23 N7 O5'
U RNA linking URIDINE-5'-MONOPHOSPHATE 'C9 H13 N2 O9 P'
#
# COMPACT_ATOMS: atom_id res chain seq x y z
N SER A 19 -15.39 1.16 -23.33
CA SER A 19 -14.35 1.96 -22.68
C SER A 19 -13.53 1.07 -21.75
N HIS A 20 -12.20 1.17 -21.87
CA HIS A 20 -11.27 0.40 -21.05
C HIS A 20 -10.11 1.22 -20.55
N MET A 21 -9.27 0.63 -19.69
CA MET A 21 -8.17 1.39 -19.13
C MET A 21 -6.83 0.86 -19.64
N TRP A 22 -5.91 1.78 -19.90
CA TRP A 22 -4.56 1.44 -20.34
C TRP A 22 -3.59 2.02 -19.29
N ILE A 23 -2.67 1.20 -18.79
CA ILE A 23 -1.68 1.63 -17.81
C ILE A 23 -0.26 1.33 -18.26
N GLY A 24 0.57 2.36 -18.37
CA GLY A 24 1.95 2.14 -18.70
C GLY A 24 2.76 2.11 -17.41
N VAL A 25 3.70 1.19 -17.35
CA VAL A 25 4.51 1.07 -16.14
C VAL A 25 6.00 1.08 -16.41
N ILE A 26 6.75 1.83 -15.62
CA ILE A 26 8.18 1.79 -15.79
C ILE A 26 8.70 1.10 -14.52
N SER A 27 9.33 -0.05 -14.69
CA SER A 27 9.77 -0.83 -13.54
C SER A 27 10.91 -1.75 -13.92
N LEU A 28 11.85 -1.88 -12.99
CA LEU A 28 12.96 -2.81 -13.14
C LEU A 28 12.53 -4.27 -12.94
N PHE A 29 11.33 -4.48 -12.43
CA PHE A 29 10.85 -5.82 -12.17
C PHE A 29 9.45 -5.97 -12.71
N PRO A 30 9.28 -5.84 -14.02
CA PRO A 30 7.96 -5.93 -14.65
C PRO A 30 7.20 -7.20 -14.33
N GLU A 31 7.92 -8.29 -14.07
CA GLU A 31 7.27 -9.56 -13.76
C GLU A 31 6.46 -9.51 -12.46
N MET A 32 6.77 -8.56 -11.58
CA MET A 32 5.99 -8.43 -10.36
C MET A 32 4.52 -8.16 -10.72
N PHE A 33 4.29 -7.50 -11.86
CA PHE A 33 2.94 -7.12 -12.25
C PHE A 33 2.05 -8.31 -12.61
N LYS A 34 2.65 -9.48 -12.76
CA LYS A 34 1.82 -10.65 -12.96
C LYS A 34 0.87 -10.81 -11.76
N ALA A 35 1.30 -10.33 -10.59
CA ALA A 35 0.49 -10.45 -9.38
C ALA A 35 -0.88 -9.84 -9.60
N ILE A 36 -0.96 -8.78 -10.39
CA ILE A 36 -2.29 -8.27 -10.66
C ILE A 36 -2.84 -8.69 -12.05
N THR A 37 -1.99 -8.94 -13.03
CA THR A 37 -2.55 -9.27 -14.35
C THR A 37 -2.98 -10.70 -14.58
N GLU A 38 -2.50 -11.61 -13.74
CA GLU A 38 -2.82 -13.01 -13.90
C GLU A 38 -3.69 -13.60 -12.79
N PHE A 39 -4.30 -12.76 -11.96
CA PHE A 39 -5.06 -13.26 -10.80
C PHE A 39 -6.23 -12.33 -10.40
N GLY A 40 -7.28 -12.98 -9.93
CA GLY A 40 -8.49 -12.33 -9.43
C GLY A 40 -9.27 -11.46 -10.39
N VAL A 41 -10.04 -10.55 -9.84
CA VAL A 41 -10.85 -9.66 -10.64
C VAL A 41 -10.03 -8.90 -11.71
N THR A 42 -8.86 -8.38 -11.34
CA THR A 42 -8.04 -7.62 -12.27
C THR A 42 -7.50 -8.55 -13.37
N GLY A 43 -7.20 -9.81 -13.01
CA GLY A 43 -6.71 -10.80 -13.95
C GLY A 43 -7.78 -11.09 -15.00
N ARG A 44 -9.03 -11.21 -14.53
CA ARG A 44 -10.16 -11.49 -15.40
C ARG A 44 -10.37 -10.31 -16.33
N ALA A 45 -10.13 -9.12 -15.79
CA ALA A 45 -10.23 -7.89 -16.55
C ALA A 45 -9.22 -7.89 -17.69
N VAL A 46 -8.04 -8.43 -17.41
CA VAL A 46 -7.01 -8.49 -18.43
C VAL A 46 -7.38 -9.48 -19.54
N LYS A 47 -7.82 -10.68 -19.16
CA LYS A 47 -8.18 -11.66 -20.17
C LYS A 47 -9.31 -11.14 -21.07
N HIS A 48 -10.21 -10.34 -20.53
CA HIS A 48 -11.31 -9.84 -21.34
C HIS A 48 -10.96 -8.55 -22.02
N ASN A 49 -9.70 -8.18 -21.94
CA ASN A 49 -9.20 -6.97 -22.58
C ASN A 49 -9.81 -5.67 -22.06
N LEU A 50 -10.32 -5.70 -20.84
CA LEU A 50 -10.90 -4.52 -20.22
C LEU A 50 -9.83 -3.67 -19.58
N LEU A 51 -8.62 -4.22 -19.53
CA LEU A 51 -7.47 -3.55 -18.93
C LEU A 51 -6.17 -4.00 -19.57
N LYS A 52 -5.34 -3.03 -19.94
CA LYS A 52 -4.05 -3.36 -20.51
C LYS A 52 -2.96 -2.77 -19.61
N VAL A 53 -1.97 -3.57 -19.27
CA VAL A 53 -0.85 -3.09 -18.45
C VAL A 53 0.47 -3.37 -19.17
N GLU A 54 1.07 -2.35 -19.78
CA GLU A 54 2.35 -2.54 -20.51
C GLU A 54 3.52 -2.05 -19.69
N CYS A 55 4.61 -2.82 -19.73
CA CYS A 55 5.78 -2.46 -18.92
C CYS A 55 7.00 -2.23 -19.77
N TRP A 56 7.83 -1.32 -19.29
CA TRP A 56 9.11 -1.03 -19.91
C TRP A 56 10.09 -1.12 -18.77
N ASN A 57 11.22 -1.78 -19.02
CA ASN A 57 12.22 -2.00 -17.99
C ASN A 57 13.46 -1.15 -18.35
N PRO A 58 13.87 -0.22 -17.45
CA PRO A 58 15.05 0.59 -17.71
C PRO A 58 16.25 -0.26 -18.12
N ARG A 59 16.32 -1.51 -17.67
CA ARG A 59 17.44 -2.37 -18.04
C ARG A 59 17.53 -2.60 -19.56
N ASP A 60 16.39 -2.59 -20.24
CA ASP A 60 16.40 -2.83 -21.68
C ASP A 60 16.94 -1.61 -22.39
N PHE A 61 17.14 -0.54 -21.64
CA PHE A 61 17.65 0.68 -22.24
C PHE A 61 19.10 0.95 -21.85
N THR A 62 19.79 -0.02 -21.24
CA THR A 62 21.18 0.27 -20.93
C THR A 62 22.08 -0.07 -22.13
N PHE A 63 23.27 0.55 -22.16
CA PHE A 63 24.24 0.33 -23.24
C PHE A 63 25.62 -0.08 -22.72
N ASP A 64 25.67 -0.86 -21.65
CA ASP A 64 26.95 -1.31 -21.10
C ASP A 64 26.94 -2.82 -20.83
N LYS A 65 28.14 -3.37 -20.68
CA LYS A 65 28.40 -4.79 -20.46
C LYS A 65 27.56 -5.34 -19.29
N HIS A 66 27.46 -4.55 -18.21
CA HIS A 66 26.73 -5.02 -17.03
C HIS A 66 25.26 -4.52 -16.92
N LYS A 67 24.71 -3.89 -17.96
CA LYS A 67 23.30 -3.49 -17.95
C LYS A 67 23.04 -2.74 -16.63
N THR A 68 23.85 -1.72 -16.38
CA THR A 68 23.74 -0.95 -15.13
C THR A 68 22.50 -0.05 -15.04
N VAL A 69 21.70 -0.22 -13.99
CA VAL A 69 20.51 0.64 -13.86
C VAL A 69 20.48 1.51 -12.60
N ASP A 70 21.52 1.41 -11.77
CA ASP A 70 21.66 2.26 -10.59
C ASP A 70 22.97 3.09 -10.63
N ASP A 71 23.14 4.02 -9.69
CA ASP A 71 24.30 4.90 -9.67
C ASP A 71 24.46 5.52 -8.29
N ARG A 72 25.65 6.00 -7.94
CA ARG A 72 25.90 6.58 -6.63
C ARG A 72 25.40 8.01 -6.58
N PRO A 73 24.88 8.42 -5.42
CA PRO A 73 24.38 9.77 -5.19
C PRO A 73 25.56 10.70 -4.91
N TYR A 74 25.50 11.92 -5.42
CA TYR A 74 26.53 12.91 -5.14
C TYR A 74 26.50 13.32 -3.70
N GLY A 75 27.68 13.56 -3.17
CA GLY A 75 27.85 13.97 -1.79
C GLY A 75 28.26 12.79 -0.95
N GLY A 76 28.32 11.63 -1.60
CA GLY A 76 28.72 10.40 -0.96
C GLY A 76 27.70 9.84 0.00
N GLY A 77 28.16 9.00 0.91
CA GLY A 77 27.25 8.39 1.86
C GLY A 77 26.74 7.08 1.30
N PRO A 78 26.02 6.29 2.10
CA PRO A 78 25.54 5.01 1.57
C PRO A 78 24.33 5.07 0.62
N GLY A 79 24.01 3.94 -0.01
CA GLY A 79 22.90 3.78 -0.94
C GLY A 79 23.16 4.14 -2.39
N MET A 80 22.22 3.81 -3.26
CA MET A 80 22.30 4.10 -4.70
C MET A 80 21.00 4.74 -5.17
N LEU A 81 21.00 5.44 -6.33
CA LEU A 81 19.78 6.02 -6.92
C LEU A 81 19.59 5.34 -8.26
N MET A 82 18.40 5.43 -8.83
CA MET A 82 18.28 4.89 -10.16
C MET A 82 19.02 5.79 -11.15
N MET A 83 19.67 5.14 -12.11
CA MET A 83 20.41 5.87 -13.12
C MET A 83 19.45 6.67 -13.95
N VAL A 84 19.84 7.92 -14.21
CA VAL A 84 18.99 8.88 -14.93
C VAL A 84 18.64 8.49 -16.38
N GLN A 85 19.66 8.17 -17.18
CA GLN A 85 19.49 7.88 -18.61
C GLN A 85 18.57 6.72 -19.00
N PRO A 86 18.74 5.54 -18.37
CA PRO A 86 17.87 4.43 -18.74
C PRO A 86 16.44 4.70 -18.40
N LEU A 87 16.26 5.29 -17.22
CA LEU A 87 14.94 5.59 -16.72
C LEU A 87 14.26 6.62 -17.57
N ARG A 88 15.01 7.67 -17.91
CA ARG A 88 14.53 8.76 -18.75
C ARG A 88 14.14 8.21 -20.13
N ASP A 89 15.00 7.36 -20.67
CA ASP A 89 14.76 6.83 -21.99
C ASP A 89 13.53 5.94 -22.01
N ALA A 90 13.37 5.16 -20.95
CA ALA A 90 12.20 4.29 -20.84
C ALA A 90 10.92 5.12 -20.74
N ILE A 91 10.95 6.16 -19.92
CA ILE A 91 9.76 7.01 -19.76
C ILE A 91 9.43 7.69 -21.08
N HIS A 92 10.43 8.19 -21.78
CA HIS A 92 10.14 8.84 -23.05
C HIS A 92 9.57 7.80 -24.00
N THR A 93 10.06 6.57 -23.94
CA THR A 93 9.55 5.55 -24.85
C THR A 93 8.08 5.19 -24.57
N ALA A 94 7.76 5.04 -23.29
CA ALA A 94 6.41 4.71 -22.85
C ALA A 94 5.47 5.86 -23.18
N LYS A 95 5.95 7.08 -22.94
CA LYS A 95 5.18 8.29 -23.17
C LYS A 95 4.88 8.36 -24.66
N ALA A 96 5.87 7.94 -25.45
CA ALA A 96 5.72 7.93 -26.87
C ALA A 96 4.65 6.93 -27.33
N ALA A 97 4.62 5.74 -26.73
CA ALA A 97 3.64 4.69 -27.06
C ALA A 97 2.22 5.07 -26.62
N ALA A 98 2.12 5.80 -25.52
CA ALA A 98 0.83 6.20 -24.95
C ALA A 98 0.16 7.28 -25.85
N GLY A 99 0.98 8.05 -26.58
CA GLY A 99 0.45 9.10 -27.41
C GLY A 99 0.03 10.34 -26.64
N GLU A 100 -0.93 11.09 -27.16
CA GLU A 100 -1.32 12.31 -26.49
C GLU A 100 -2.18 12.03 -25.28
N GLY A 101 -2.13 12.95 -24.32
CA GLY A 101 -2.93 12.83 -23.11
C GLY A 101 -2.48 11.92 -21.98
N ALA A 102 -1.25 11.41 -22.03
CA ALA A 102 -0.84 10.51 -20.94
C ALA A 102 -0.12 11.22 -19.81
N LYS A 103 -0.71 11.07 -18.62
CA LYS A 103 -0.19 11.66 -17.40
C LYS A 103 0.88 10.74 -16.79
N VAL A 104 2.03 11.31 -16.42
CA VAL A 104 3.07 10.49 -15.83
C VAL A 104 3.07 10.66 -14.32
N ILE A 105 2.89 9.55 -13.60
CA ILE A 105 2.81 9.59 -12.15
C ILE A 105 3.96 8.84 -11.60
N TYR A 106 4.59 9.46 -10.61
CA TYR A 106 5.68 8.85 -9.89
C TYR A 106 5.21 8.41 -8.52
N LEU A 107 5.44 7.12 -8.22
CA LEU A 107 5.06 6.60 -6.91
C LEU A 107 6.12 7.03 -5.91
N SER A 108 5.69 7.70 -4.84
CA SER A 108 6.62 8.20 -3.85
C SER A 108 6.00 8.52 -2.51
N PRO A 109 6.74 8.27 -1.42
CA PRO A 109 6.13 8.56 -0.11
C PRO A 109 5.92 10.04 0.19
N GLN A 110 6.54 10.87 -0.63
CA GLN A 110 6.41 12.31 -0.51
C GLN A 110 5.31 12.87 -1.37
N GLY A 111 4.61 12.01 -2.11
CA GLY A 111 3.55 12.48 -3.00
C GLY A 111 2.23 12.56 -2.27
N ARG A 112 1.19 12.88 -3.01
CA ARG A 112 -0.17 13.01 -2.49
C ARG A 112 -0.66 11.63 -2.01
N LYS A 113 -1.17 11.56 -0.78
CA LYS A 113 -1.64 10.33 -0.16
C LYS A 113 -2.93 9.85 -0.81
N LEU A 114 -2.92 8.62 -1.33
CA LEU A 114 -4.07 8.05 -1.97
C LEU A 114 -5.22 7.84 -0.98
N ASP A 115 -6.44 8.21 -1.42
CA ASP A 115 -7.71 8.00 -0.73
C ASP A 115 -8.81 7.80 -1.78
N GLN A 116 -10.04 7.49 -1.34
CA GLN A 116 -11.04 7.17 -2.37
C GLN A 116 -11.28 8.28 -3.39
N GLY A 117 -11.18 9.53 -2.94
CA GLY A 117 -11.31 10.66 -3.85
C GLY A 117 -10.20 10.72 -4.89
N GLY A 118 -8.99 10.43 -4.43
CA GLY A 118 -7.82 10.44 -5.29
C GLY A 118 -7.98 9.29 -6.25
N VAL A 119 -8.53 8.19 -5.77
CA VAL A 119 -8.73 7.08 -6.67
C VAL A 119 -9.71 7.45 -7.78
N THR A 120 -10.81 8.12 -7.44
CA THR A 120 -11.80 8.48 -8.47
C THR A 120 -11.26 9.48 -9.53
N GLU A 121 -10.44 10.41 -9.04
CA GLU A 121 -9.81 11.39 -9.93
C GLU A 121 -8.85 10.68 -10.87
N LEU A 122 -8.02 9.79 -10.33
CA LEU A 122 -7.05 9.05 -11.14
C LEU A 122 -7.78 8.22 -12.14
N ALA A 123 -8.97 7.78 -11.73
CA ALA A 123 -9.81 6.94 -12.53
C ALA A 123 -10.33 7.64 -13.77
N GLN A 124 -10.56 8.95 -13.67
CA GLN A 124 -11.01 9.71 -14.87
C GLN A 124 -10.04 9.54 -16.06
N ASN A 125 -8.75 9.68 -15.80
CA ASN A 125 -7.71 9.55 -16.82
C ASN A 125 -7.89 8.32 -17.71
N GLN A 126 -7.74 8.47 -19.02
CA GLN A 126 -7.86 7.30 -19.90
C GLN A 126 -6.57 6.49 -20.03
N LYS A 127 -5.43 7.16 -19.88
CA LYS A 127 -4.12 6.51 -19.96
C LYS A 127 -3.22 7.07 -18.87
N LEU A 128 -2.47 6.20 -18.23
CA LEU A 128 -1.54 6.68 -17.23
C LEU A 128 -0.27 5.93 -17.37
N ILE A 129 0.82 6.61 -17.00
CA ILE A 129 2.10 5.94 -16.98
C ILE A 129 2.60 6.05 -15.57
N LEU A 130 2.97 4.91 -15.02
CA LEU A 130 3.42 4.83 -13.65
C LEU A 130 4.90 4.48 -13.48
N VAL A 131 5.64 5.39 -12.86
CA VAL A 131 7.04 5.19 -12.63
C VAL A 131 7.30 4.66 -11.21
N CYS A 132 7.94 3.49 -11.17
CA CYS A 132 8.23 2.78 -9.94
C CYS A 132 9.67 2.98 -9.54
N GLY A 133 9.89 3.60 -8.41
CA GLY A 133 11.26 3.78 -7.96
C GLY A 133 11.82 2.56 -7.27
N ARG A 134 13.15 2.53 -7.13
CA ARG A 134 13.87 1.51 -6.38
C ARG A 134 15.07 2.10 -5.65
N TYR A 135 15.69 1.31 -4.77
CA TYR A 135 16.83 1.78 -4.03
C TYR A 135 16.45 2.99 -3.23
N GLU A 136 17.29 4.00 -3.28
CA GLU A 136 17.06 5.22 -2.54
C GLU A 136 16.19 6.22 -3.30
N GLY A 137 15.77 5.87 -4.51
CA GLY A 137 14.89 6.73 -5.28
C GLY A 137 15.32 7.12 -6.67
N ILE A 138 14.81 8.26 -7.14
CA ILE A 138 15.16 8.73 -8.48
C ILE A 138 15.73 10.12 -8.32
N ASP A 139 16.44 10.57 -9.34
CA ASP A 139 17.05 11.89 -9.40
C ASP A 139 16.03 13.03 -9.30
N GLU A 140 16.26 14.00 -8.42
CA GLU A 140 15.28 15.08 -8.28
C GLU A 140 14.92 15.81 -9.55
N ARG A 141 15.87 15.90 -10.46
CA ARG A 141 15.64 16.63 -11.68
C ARG A 141 14.69 15.87 -12.59
N LEU A 142 14.62 14.54 -12.48
CA LEU A 142 13.64 13.78 -13.25
C LEU A 142 12.24 14.03 -12.71
N ILE A 143 12.12 14.22 -11.41
CA ILE A 143 10.84 14.51 -10.84
C ILE A 143 10.38 15.89 -11.32
N GLN A 144 11.28 16.85 -11.34
CA GLN A 144 10.90 18.18 -11.80
C GLN A 144 10.58 18.21 -13.29
N THR A 145 11.35 17.46 -14.08
CA THR A 145 11.18 17.50 -15.53
C THR A 145 10.29 16.48 -16.22
N GLU A 146 10.04 15.33 -15.61
CA GLU A 146 9.26 14.32 -16.32
C GLU A 146 8.00 13.94 -15.62
N ILE A 147 7.88 14.24 -14.33
CA ILE A 147 6.70 13.79 -13.60
C ILE A 147 5.62 14.88 -13.49
N ASP A 148 4.38 14.50 -13.73
CA ASP A 148 3.28 15.43 -13.59
C ASP A 148 2.76 15.45 -12.16
N GLU A 149 2.57 14.28 -11.56
CA GLU A 149 2.06 14.19 -10.20
C GLU A 149 2.77 13.07 -9.46
N GLU A 150 2.96 13.28 -8.16
CA GLU A 150 3.54 12.29 -7.27
C GLU A 150 2.49 11.70 -6.34
N TRP A 151 2.46 10.37 -6.23
CA TRP A 151 1.44 9.78 -5.35
C TRP A 151 2.02 8.77 -4.37
N SER A 152 1.54 8.84 -3.13
CA SER A 152 1.92 7.90 -2.07
C SER A 152 0.81 6.96 -1.70
N ILE A 153 1.07 5.70 -1.38
CA ILE A 153 -0.06 4.88 -0.90
C ILE A 153 -0.21 4.97 0.64
N GLY A 154 0.70 5.65 1.33
CA GLY A 154 0.60 5.74 2.78
C GLY A 154 1.85 6.24 3.47
N ASP A 155 1.74 6.66 4.74
CA ASP A 155 2.90 7.23 5.47
C ASP A 155 3.82 6.17 6.05
N TYR A 156 4.46 5.45 5.15
CA TYR A 156 5.36 4.40 5.55
C TYR A 156 6.24 4.23 4.35
N VAL A 157 7.42 3.65 4.52
CA VAL A 157 8.39 3.51 3.43
C VAL A 157 8.61 2.06 2.90
N LEU A 158 8.53 1.88 1.58
CA LEU A 158 8.77 0.58 0.98
C LEU A 158 10.10 0.57 0.20
N THR A 159 10.55 -0.62 -0.16
CA THR A 159 11.78 -0.83 -0.92
C THR A 159 11.63 -0.50 -2.41
N GLY A 160 10.40 -0.39 -2.87
CA GLY A 160 10.20 -0.12 -4.26
C GLY A 160 8.81 0.38 -4.53
N GLY A 161 8.63 0.93 -5.72
CA GLY A 161 7.35 1.43 -6.15
C GLY A 161 6.38 0.49 -6.82
N GLU A 162 6.81 -0.76 -7.02
CA GLU A 162 5.96 -1.74 -7.68
C GLU A 162 4.71 -2.08 -6.88
N LEU A 163 4.83 -2.31 -5.59
CA LEU A 163 3.60 -2.61 -4.88
C LEU A 163 2.65 -1.42 -4.91
N PRO A 164 3.16 -0.21 -4.70
CA PRO A 164 2.27 0.95 -4.78
C PRO A 164 1.64 1.08 -6.18
N ALA A 165 2.39 0.81 -7.24
CA ALA A 165 1.81 0.91 -8.58
C ALA A 165 0.65 -0.06 -8.75
N MET A 166 0.86 -1.30 -8.31
CA MET A 166 -0.17 -2.32 -8.38
C MET A 166 -1.39 -2.02 -7.52
N THR A 167 -1.14 -1.42 -6.36
CA THR A 167 -2.20 -1.03 -5.44
C THR A 167 -3.07 0.01 -6.11
N LEU A 168 -2.42 0.98 -6.73
CA LEU A 168 -3.13 2.05 -7.41
C LEU A 168 -3.93 1.48 -8.59
N ILE A 169 -3.28 0.65 -9.39
CA ILE A 169 -3.92 0.04 -10.54
C ILE A 169 -5.15 -0.74 -10.09
N ASP A 170 -4.99 -1.54 -9.05
CA ASP A 170 -6.07 -2.35 -8.54
C ASP A 170 -7.23 -1.44 -8.08
N ALA A 171 -6.94 -0.39 -7.34
CA ALA A 171 -8.00 0.49 -6.84
C ALA A 171 -8.80 1.14 -7.95
N VAL A 172 -8.11 1.69 -8.95
CA VAL A 172 -8.82 2.35 -10.06
C VAL A 172 -9.51 1.36 -10.98
N ALA A 173 -8.96 0.16 -11.13
CA ALA A 173 -9.57 -0.84 -12.01
C ALA A 173 -11.00 -1.15 -11.58
N ARG A 174 -11.30 -1.00 -10.30
CA ARG A 174 -12.64 -1.27 -9.79
C ARG A 174 -13.69 -0.36 -10.42
N PHE A 175 -13.22 0.72 -11.02
CA PHE A 175 -14.07 1.71 -11.67
C PHE A 175 -14.23 1.44 -13.19
N ILE A 176 -13.59 0.40 -13.70
CA ILE A 176 -13.69 0.05 -15.12
C ILE A 176 -15.01 -0.70 -15.32
N PRO A 177 -15.82 -0.24 -16.30
CA PRO A 177 -17.12 -0.82 -16.61
C PRO A 177 -17.07 -2.34 -16.80
N GLY A 178 -17.98 -3.04 -16.13
CA GLY A 178 -18.07 -4.48 -16.26
C GLY A 178 -17.17 -5.15 -15.24
N VAL A 179 -17.52 -4.93 -13.98
CA VAL A 179 -16.78 -5.49 -12.86
C VAL A 179 -17.61 -5.41 -11.59
N ASP A 189 -21.28 0.89 -1.90
CA ASP A 189 -19.96 0.30 -1.75
C ASP A 189 -19.24 0.94 -0.55
N SER A 190 -18.24 0.27 0.02
CA SER A 190 -17.46 0.86 1.12
C SER A 190 -16.83 2.16 0.60
N PHE A 191 -16.71 3.16 1.48
CA PHE A 191 -16.09 4.44 1.09
C PHE A 191 -16.92 5.17 0.03
N ALA A 192 -17.88 4.45 -0.51
CA ALA A 192 -18.79 4.97 -1.53
C ALA A 192 -19.44 6.22 -0.99
N ASP A 193 -19.92 6.11 0.24
CA ASP A 193 -20.56 7.24 0.87
C ASP A 193 -19.77 7.84 2.00
N GLY A 194 -18.47 7.58 2.03
CA GLY A 194 -17.66 8.15 3.07
C GLY A 194 -17.59 7.35 4.34
N LEU A 195 -18.27 6.20 4.38
CA LEU A 195 -18.33 5.37 5.59
C LEU A 195 -17.59 4.04 5.45
N LEU A 196 -17.18 3.50 6.59
CA LEU A 196 -16.56 2.19 6.60
C LEU A 196 -17.69 1.21 6.27
N ASP A 197 -17.33 0.06 5.72
CA ASP A 197 -18.34 -0.93 5.35
C ASP A 197 -18.95 -1.57 6.61
N CYS A 198 -20.13 -2.16 6.47
CA CYS A 198 -20.81 -2.84 7.58
C CYS A 198 -20.29 -4.25 7.69
N PRO A 199 -20.56 -4.93 8.82
CA PRO A 199 -20.11 -6.32 8.96
C PRO A 199 -20.94 -7.26 8.07
N HIS A 200 -20.33 -8.35 7.62
CA HIS A 200 -21.02 -9.34 6.78
C HIS A 200 -21.06 -10.77 7.34
N TYR A 201 -22.09 -11.52 6.96
CA TYR A 201 -22.26 -12.88 7.45
C TYR A 201 -22.71 -13.82 6.34
N THR A 202 -22.27 -15.08 6.40
CA THR A 202 -22.71 -16.09 5.46
C THR A 202 -22.91 -17.37 6.27
N ARG A 203 -23.23 -18.47 5.60
CA ARG A 203 -23.48 -19.73 6.30
C ARG A 203 -22.23 -20.11 7.06
N PRO A 204 -22.39 -20.80 8.19
CA PRO A 204 -23.62 -21.29 8.85
C PRO A 204 -24.31 -20.25 9.69
N GLU A 205 -25.56 -20.49 10.06
CA GLU A 205 -26.32 -19.58 10.91
C GLU A 205 -25.63 -19.39 12.27
N VAL A 206 -25.00 -20.46 12.75
CA VAL A 206 -24.26 -20.41 14.01
C VAL A 206 -22.87 -20.92 13.80
N LEU A 207 -21.93 -20.07 14.23
CA LEU A 207 -20.53 -20.35 14.11
C LEU A 207 -19.82 -20.09 15.42
N GLU A 208 -19.26 -21.12 16.04
CA GLU A 208 -18.60 -20.97 17.34
C GLU A 208 -19.42 -20.25 18.39
N GLY A 209 -20.69 -20.62 18.47
CA GLY A 209 -21.63 -20.07 19.43
C GLY A 209 -22.14 -18.71 19.04
N LEU A 210 -21.63 -18.20 17.93
CA LEU A 210 -22.04 -16.89 17.47
C LEU A 210 -23.12 -16.97 16.42
N THR A 211 -24.25 -16.34 16.68
CA THR A 211 -25.37 -16.41 15.73
C THR A 211 -25.42 -15.16 14.85
N VAL A 212 -25.96 -15.31 13.66
CA VAL A 212 -26.14 -14.19 12.75
C VAL A 212 -27.29 -13.29 13.28
N PRO A 213 -27.10 -11.94 13.27
CA PRO A 213 -28.13 -11.00 13.72
C PRO A 213 -29.44 -11.33 13.00
N PRO A 214 -30.50 -11.54 13.78
CA PRO A 214 -31.81 -11.91 13.26
C PRO A 214 -32.35 -11.09 12.10
N VAL A 215 -32.10 -9.80 12.13
CA VAL A 215 -32.56 -8.94 11.07
C VAL A 215 -32.06 -9.40 9.69
N LEU A 216 -30.83 -9.91 9.61
CA LEU A 216 -30.31 -10.34 8.30
C LEU A 216 -30.97 -11.57 7.71
N MET A 217 -31.65 -12.32 8.57
CA MET A 217 -32.35 -13.48 8.13
C MET A 217 -33.86 -13.21 8.00
N SER A 218 -34.33 -12.03 8.40
CA SER A 218 -35.78 -11.73 8.38
C SER A 218 -36.34 -11.64 6.95
N GLY A 219 -35.48 -11.38 5.98
CA GLY A 219 -35.94 -11.27 4.62
C GLY A 219 -36.63 -9.98 4.26
N HIS A 220 -36.77 -9.06 5.20
CA HIS A 220 -37.42 -7.78 4.92
C HIS A 220 -36.32 -6.80 4.48
N HIS A 221 -36.25 -6.50 3.17
CA HIS A 221 -35.20 -5.65 2.61
C HIS A 221 -35.03 -4.29 3.26
N GLU A 222 -36.13 -3.67 3.62
CA GLU A 222 -36.03 -2.35 4.23
C GLU A 222 -35.41 -2.33 5.65
N GLU A 223 -35.79 -3.29 6.50
CA GLU A 223 -35.23 -3.34 7.85
C GLU A 223 -33.75 -3.63 7.76
N ILE A 224 -33.38 -4.47 6.79
CA ILE A 224 -31.97 -4.83 6.57
C ILE A 224 -31.14 -3.64 6.10
N ARG A 225 -31.67 -2.90 5.12
CA ARG A 225 -30.96 -1.72 4.62
C ARG A 225 -30.69 -0.76 5.78
N LYS A 226 -31.72 -0.48 6.58
CA LYS A 226 -31.53 0.44 7.71
C LYS A 226 -30.55 -0.11 8.75
N TRP A 227 -30.61 -1.41 9.02
CA TRP A 227 -29.68 -2.01 9.96
C TRP A 227 -28.23 -1.90 9.47
N ARG A 228 -27.99 -2.24 8.22
CA ARG A 228 -26.64 -2.19 7.64
C ARG A 228 -26.09 -0.75 7.61
N LEU A 229 -26.96 0.19 7.26
CA LEU A 229 -26.54 1.57 7.20
C LEU A 229 -26.20 2.03 8.61
N LYS A 230 -27.03 1.67 9.58
CA LYS A 230 -26.75 2.03 10.98
C LYS A 230 -25.40 1.44 11.43
N GLN A 231 -25.11 0.21 11.01
CA GLN A 231 -23.83 -0.40 11.33
C GLN A 231 -22.63 0.34 10.70
N SER A 232 -22.77 0.77 9.45
CA SER A 232 -21.67 1.50 8.81
C SER A 232 -21.39 2.81 9.55
N LEU A 233 -22.46 3.49 9.93
CA LEU A 233 -22.36 4.76 10.64
C LEU A 233 -21.72 4.57 12.01
N GLN A 234 -22.19 3.55 12.74
CA GLN A 234 -21.65 3.28 14.06
C GLN A 234 -20.16 2.94 13.98
N ARG A 235 -19.80 2.06 13.05
CA ARG A 235 -18.42 1.64 12.88
C ARG A 235 -17.49 2.77 12.44
N THR A 236 -17.96 3.65 11.54
CA THR A 236 -17.14 4.78 11.11
C THR A 236 -16.90 5.68 12.31
N TRP A 237 -17.95 5.92 13.08
CA TRP A 237 -17.78 6.75 14.27
C TRP A 237 -16.80 6.16 15.28
N LEU A 238 -16.93 4.88 15.58
CA LEU A 238 -16.05 4.25 16.56
C LEU A 238 -14.60 4.06 16.15
N ARG A 239 -14.37 3.67 14.90
CA ARG A 239 -13.01 3.41 14.46
C ARG A 239 -12.31 4.59 13.80
N ARG A 240 -13.06 5.36 13.02
CA ARG A 240 -12.50 6.46 12.27
C ARG A 240 -13.45 7.66 12.33
N PRO A 241 -13.64 8.20 13.53
CA PRO A 241 -14.57 9.33 13.71
C PRO A 241 -14.29 10.56 12.83
N GLU A 242 -13.03 10.72 12.45
CA GLU A 242 -12.60 11.85 11.64
C GLU A 242 -13.22 11.87 10.26
N LEU A 243 -13.56 10.70 9.76
CA LEU A 243 -14.19 10.56 8.44
C LEU A 243 -15.53 11.27 8.50
N LEU A 244 -16.14 11.21 9.65
CA LEU A 244 -17.45 11.83 9.92
C LEU A 244 -17.52 13.36 9.79
N GLU A 245 -16.42 14.04 10.13
CA GLU A 245 -16.37 15.49 10.07
C GLU A 245 -16.66 16.15 8.73
N GLY A 246 -16.20 15.52 7.67
CA GLY A 246 -16.37 16.05 6.33
C GLY A 246 -17.65 15.70 5.62
N LEU A 247 -18.60 15.09 6.33
CA LEU A 247 -19.81 14.67 5.63
C LEU A 247 -21.10 15.36 5.90
N ALA A 248 -21.94 15.36 4.87
CA ALA A 248 -23.26 15.91 5.02
C ALA A 248 -24.20 14.70 5.05
N LEU A 249 -24.52 14.24 6.26
CA LEU A 249 -25.40 13.09 6.45
C LEU A 249 -26.85 13.43 6.12
N THR A 250 -27.62 12.50 5.57
CA THR A 250 -29.06 12.69 5.32
C THR A 250 -29.84 12.67 6.65
N ASP A 251 -31.13 13.02 6.62
CA ASP A 251 -31.86 13.00 7.88
C ASP A 251 -31.81 11.63 8.50
N GLU A 252 -31.95 10.65 7.64
CA GLU A 252 -31.95 9.27 8.06
C GLU A 252 -30.62 8.86 8.66
N GLN A 253 -29.54 9.26 8.01
CA GLN A 253 -28.25 8.90 8.57
C GLN A 253 -28.00 9.53 9.91
N ARG A 254 -28.39 10.80 10.06
CA ARG A 254 -28.21 11.48 11.33
C ARG A 254 -28.99 10.80 12.43
N LYS A 255 -30.21 10.38 12.12
CA LYS A 255 -31.05 9.72 13.12
C LYS A 255 -30.43 8.37 13.52
N LEU A 256 -30.00 7.60 12.54
CA LEU A 256 -29.43 6.30 12.85
C LEU A 256 -28.11 6.37 13.63
N LEU A 257 -27.28 7.32 13.29
CA LEU A 257 -26.02 7.51 13.99
C LEU A 257 -26.33 7.93 15.43
N LYS A 258 -27.29 8.83 15.60
CA LYS A 258 -27.69 9.30 16.94
C LYS A 258 -28.14 8.11 17.81
N GLU A 259 -28.93 7.22 17.19
CA GLU A 259 -29.42 6.04 17.88
C GLU A 259 -28.27 5.15 18.32
N ALA A 260 -27.32 4.97 17.41
CA ALA A 260 -26.16 4.10 17.66
C ALA A 260 -25.27 4.63 18.77
N GLN A 261 -25.08 5.95 18.79
CA GLN A 261 -24.26 6.57 19.82
C GLN A 261 -24.97 6.40 21.15
N ALA A 262 -26.30 6.48 21.14
CA ALA A 262 -27.02 6.29 22.40
C ALA A 262 -26.84 4.85 22.91
N GLU A 263 -26.86 3.85 22.01
CA GLU A 263 -26.68 2.46 22.44
C GLU A 263 -25.25 2.15 22.95
N HIS A 264 -24.25 2.74 22.29
CA HIS A 264 -22.82 2.55 22.63
C HIS A 264 -22.54 2.64 24.12
N ASN A 265 -23.20 3.56 24.79
CA ASN A 265 -23.02 3.75 26.23
C ASN A 265 -24.28 4.38 26.79
N SER A 266 -25.26 3.53 27.09
CA SER A 266 -26.55 3.97 27.62
C SER A 266 -26.64 3.78 29.14
N GLY B 18 21.55 -15.89 13.07
CA GLY B 18 21.20 -14.68 12.32
C GLY B 18 19.79 -14.12 12.57
N SER B 19 19.42 -13.03 11.90
CA SER B 19 18.05 -12.50 12.06
C SER B 19 17.04 -13.23 11.15
N HIS B 20 15.93 -13.63 11.73
CA HIS B 20 14.89 -14.32 10.98
C HIS B 20 13.46 -13.90 11.27
N MET B 21 12.59 -13.84 10.28
CA MET B 21 11.23 -13.43 10.57
C MET B 21 10.39 -14.41 9.81
N TRP B 22 9.29 -14.82 10.43
CA TRP B 22 8.41 -15.74 9.74
C TRP B 22 7.05 -15.10 9.59
N ILE B 23 6.58 -15.14 8.36
CA ILE B 23 5.29 -14.62 8.02
C ILE B 23 4.49 -15.71 7.34
N GLY B 24 3.37 -16.04 7.97
CA GLY B 24 2.44 -17.00 7.41
C GLY B 24 1.37 -16.19 6.71
N VAL B 25 0.94 -16.65 5.55
CA VAL B 25 -0.06 -15.93 4.81
C VAL B 25 -1.22 -16.83 4.43
N ILE B 26 -2.45 -16.34 4.57
CA ILE B 26 -3.62 -17.10 4.14
C ILE B 26 -4.15 -16.35 2.94
N SER B 27 -4.16 -16.99 1.78
CA SER B 27 -4.56 -16.35 0.52
C SER B 27 -4.99 -17.32 -0.57
N LEU B 28 -6.00 -16.92 -1.34
CA LEU B 28 -6.40 -17.70 -2.49
C LEU B 28 -5.41 -17.60 -3.64
N PHE B 29 -4.50 -16.64 -3.56
CA PHE B 29 -3.57 -16.47 -4.66
C PHE B 29 -2.12 -16.32 -4.23
N PRO B 30 -1.58 -17.36 -3.59
CA PRO B 30 -0.23 -17.44 -3.09
C PRO B 30 0.84 -17.14 -4.14
N GLU B 31 0.56 -17.42 -5.41
CA GLU B 31 1.58 -17.13 -6.42
C GLU B 31 1.85 -15.61 -6.51
N MET B 32 0.89 -14.83 -6.06
CA MET B 32 1.08 -13.40 -6.06
C MET B 32 2.27 -13.02 -5.20
N PHE B 33 2.50 -13.80 -4.15
CA PHE B 33 3.59 -13.44 -3.26
C PHE B 33 4.98 -13.56 -3.84
N LYS B 34 5.11 -14.19 -5.01
CA LYS B 34 6.43 -14.20 -5.67
C LYS B 34 6.88 -12.76 -5.92
N ALA B 35 5.91 -11.88 -6.04
CA ALA B 35 6.23 -10.50 -6.31
C ALA B 35 7.16 -9.96 -5.24
N ILE B 36 7.03 -10.41 -4.00
CA ILE B 36 7.98 -9.94 -2.99
C ILE B 36 9.07 -10.95 -2.67
N THR B 37 8.79 -12.23 -2.86
CA THR B 37 9.81 -13.24 -2.51
C THR B 37 10.90 -13.57 -3.51
N GLU B 38 10.73 -13.20 -4.76
CA GLU B 38 11.68 -13.50 -5.83
C GLU B 38 12.37 -12.27 -6.41
N PHE B 39 11.97 -11.09 -5.96
CA PHE B 39 12.48 -9.84 -6.50
C PHE B 39 12.92 -8.88 -5.43
N GLY B 40 13.95 -8.13 -5.79
CA GLY B 40 14.53 -7.08 -4.99
C GLY B 40 15.13 -7.43 -3.65
N VAL B 41 15.19 -6.42 -2.80
CA VAL B 41 15.74 -6.54 -1.46
C VAL B 41 15.08 -7.67 -0.69
N THR B 42 13.76 -7.75 -0.80
CA THR B 42 12.98 -8.78 -0.11
C THR B 42 13.26 -10.15 -0.69
N GLY B 43 13.46 -10.21 -2.00
CA GLY B 43 13.76 -11.48 -2.60
C GLY B 43 15.09 -11.96 -2.04
N ARG B 44 16.08 -11.08 -1.92
CA ARG B 44 17.36 -11.54 -1.39
C ARG B 44 17.23 -11.91 0.08
N ALA B 45 16.40 -11.18 0.81
CA ALA B 45 16.22 -11.47 2.22
C ALA B 45 15.66 -12.87 2.39
N VAL B 46 14.76 -13.27 1.49
CA VAL B 46 14.16 -14.61 1.55
C VAL B 46 15.29 -15.57 1.21
N LYS B 47 16.01 -15.27 0.14
CA LYS B 47 17.13 -16.11 -0.30
C LYS B 47 18.26 -16.21 0.74
N HIS B 48 18.23 -15.41 1.78
CA HIS B 48 19.27 -15.44 2.80
C HIS B 48 18.64 -15.86 4.12
N ASN B 49 17.38 -16.28 4.02
CA ASN B 49 16.66 -16.75 5.18
C ASN B 49 16.45 -15.71 6.28
N LEU B 50 16.50 -14.43 5.91
CA LEU B 50 16.27 -13.40 6.92
C LEU B 50 14.77 -13.29 7.04
N LEU B 51 14.10 -13.53 5.93
CA LEU B 51 12.65 -13.48 5.91
C LEU B 51 12.07 -14.78 5.29
N LYS B 52 11.12 -15.38 5.98
CA LYS B 52 10.43 -16.56 5.48
C LYS B 52 8.96 -16.26 5.37
N VAL B 53 8.38 -16.59 4.22
CA VAL B 53 6.96 -16.40 3.98
C VAL B 53 6.37 -17.74 3.54
N GLU B 54 5.37 -18.23 4.25
CA GLU B 54 4.75 -19.52 3.89
C GLU B 54 3.30 -19.24 3.64
N CYS B 55 2.75 -19.86 2.60
CA CYS B 55 1.36 -19.59 2.25
C CYS B 55 0.45 -20.80 2.31
N TRP B 56 -0.81 -20.55 2.68
CA TRP B 56 -1.83 -21.60 2.71
C TRP B 56 -3.01 -21.07 1.91
N ASN B 57 -3.54 -21.92 1.03
CA ASN B 57 -4.61 -21.52 0.16
C ASN B 57 -5.89 -22.23 0.58
N PRO B 58 -6.94 -21.47 0.94
CA PRO B 58 -8.25 -22.01 1.35
C PRO B 58 -8.77 -22.99 0.30
N ARG B 59 -8.39 -22.79 -0.96
CA ARG B 59 -8.83 -23.69 -2.01
C ARG B 59 -8.32 -25.12 -1.73
N ASP B 60 -7.15 -25.26 -1.09
CA ASP B 60 -6.65 -26.60 -0.80
C ASP B 60 -7.44 -27.26 0.35
N PHE B 61 -8.27 -26.49 1.04
CA PHE B 61 -9.09 -26.99 2.14
C PHE B 61 -10.59 -27.09 1.83
N THR B 62 -11.02 -26.93 0.57
CA THR B 62 -12.45 -27.04 0.29
C THR B 62 -12.96 -28.44 0.06
N PHE B 63 -13.94 -28.77 0.88
CA PHE B 63 -14.54 -30.08 0.81
C PHE B 63 -15.45 -30.16 -0.44
N ASP B 64 -15.70 -29.00 -1.04
CA ASP B 64 -16.54 -28.93 -2.21
C ASP B 64 -15.90 -29.70 -3.34
N LYS B 65 -16.73 -30.34 -4.15
CA LYS B 65 -16.23 -31.13 -5.25
C LYS B 65 -15.79 -30.13 -6.32
N HIS B 66 -16.37 -28.93 -6.27
CA HIS B 66 -16.07 -27.88 -7.25
C HIS B 66 -15.02 -26.87 -6.79
N LYS B 67 -14.36 -27.21 -5.67
CA LYS B 67 -13.27 -26.41 -5.10
C LYS B 67 -13.73 -24.93 -4.93
N THR B 68 -15.02 -24.80 -4.65
CA THR B 68 -15.73 -23.56 -4.45
C THR B 68 -15.31 -22.90 -3.13
N VAL B 69 -14.90 -21.64 -3.18
CA VAL B 69 -14.43 -20.94 -1.98
C VAL B 69 -15.21 -19.70 -1.49
N ASP B 70 -16.30 -19.35 -2.17
CA ASP B 70 -17.15 -18.23 -1.74
C ASP B 70 -18.57 -18.67 -1.40
N ASP B 71 -19.21 -17.90 -0.53
CA ASP B 71 -20.55 -18.25 -0.09
C ASP B 71 -21.42 -17.00 -0.07
N ARG B 72 -22.74 -17.16 -0.09
CA ARG B 72 -23.65 -16.01 -0.14
C ARG B 72 -23.85 -15.33 1.18
N PRO B 73 -23.95 -13.99 1.14
CA PRO B 73 -24.15 -13.19 2.35
C PRO B 73 -25.60 -13.20 2.78
N TYR B 74 -25.83 -13.28 4.08
CA TYR B 74 -27.18 -13.22 4.57
C TYR B 74 -27.62 -11.80 4.30
N GLY B 75 -28.87 -11.61 3.92
CA GLY B 75 -29.38 -10.29 3.68
C GLY B 75 -29.32 -9.98 2.20
N GLY B 76 -28.79 -10.88 1.38
CA GLY B 76 -28.75 -10.59 -0.03
C GLY B 76 -27.73 -9.49 -0.25
N GLY B 77 -27.93 -8.79 -1.37
CA GLY B 77 -27.09 -7.70 -1.79
C GLY B 77 -25.87 -7.79 -2.69
N PRO B 78 -24.77 -7.19 -2.22
CA PRO B 78 -23.52 -7.14 -2.95
C PRO B 78 -22.68 -8.42 -2.96
N GLY B 79 -22.26 -8.75 -4.19
CA GLY B 79 -21.40 -9.87 -4.45
C GLY B 79 -21.54 -11.12 -3.61
N MET B 80 -20.39 -11.63 -3.19
CA MET B 80 -20.26 -12.83 -2.40
C MET B 80 -19.36 -12.64 -1.20
N LEU B 81 -19.41 -13.56 -0.23
CA LEU B 81 -18.51 -13.45 0.90
C LEU B 81 -17.59 -14.66 0.79
N MET B 82 -16.46 -14.67 1.47
CA MET B 82 -15.70 -15.91 1.45
C MET B 82 -16.35 -17.01 2.26
N MET B 83 -16.30 -18.22 1.73
CA MET B 83 -16.87 -19.34 2.47
C MET B 83 -16.05 -19.59 3.75
N VAL B 84 -16.77 -19.79 4.84
CA VAL B 84 -16.21 -19.97 6.18
C VAL B 84 -15.31 -21.21 6.37
N GLN B 85 -15.78 -22.39 5.99
CA GLN B 85 -14.98 -23.57 6.26
C GLN B 85 -13.58 -23.60 5.70
N PRO B 86 -13.42 -23.33 4.40
CA PRO B 86 -12.05 -23.41 3.88
C PRO B 86 -11.15 -22.36 4.50
N LEU B 87 -11.70 -21.17 4.68
CA LEU B 87 -10.92 -20.11 5.24
C LEU B 87 -10.54 -20.40 6.68
N ARG B 88 -11.50 -20.85 7.47
CA ARG B 88 -11.25 -21.16 8.89
C ARG B 88 -10.20 -22.30 9.00
N ASP B 89 -10.35 -23.33 8.17
CA ASP B 89 -9.44 -24.48 8.22
C ASP B 89 -8.03 -24.08 7.83
N ALA B 90 -7.90 -23.20 6.84
CA ALA B 90 -6.57 -22.69 6.45
C ALA B 90 -6.00 -21.88 7.63
N ILE B 91 -6.80 -21.05 8.28
CA ILE B 91 -6.24 -20.29 9.40
C ILE B 91 -5.79 -21.22 10.52
N HIS B 92 -6.58 -22.22 10.87
CA HIS B 92 -6.18 -23.14 11.94
C HIS B 92 -4.96 -23.92 11.54
N THR B 93 -4.85 -24.29 10.27
CA THR B 93 -3.67 -25.03 9.91
C THR B 93 -2.41 -24.19 10.04
N ALA B 94 -2.49 -22.95 9.56
CA ALA B 94 -1.36 -22.02 9.63
C ALA B 94 -1.03 -21.67 11.07
N LYS B 95 -2.07 -21.44 11.85
CA LYS B 95 -1.89 -21.07 13.22
C LYS B 95 -1.21 -22.24 13.95
N ALA B 96 -1.59 -23.48 13.63
CA ALA B 96 -0.99 -24.63 14.29
C ALA B 96 0.50 -24.80 13.94
N ALA B 97 0.83 -24.57 12.66
CA ALA B 97 2.21 -24.68 12.16
C ALA B 97 3.10 -23.59 12.71
N ALA B 98 2.54 -22.41 12.93
CA ALA B 98 3.30 -21.27 13.44
C ALA B 98 3.63 -21.57 14.88
N GLY B 99 2.76 -22.36 15.50
CA GLY B 99 2.91 -22.72 16.89
C GLY B 99 2.55 -21.59 17.79
N GLU B 100 3.14 -21.55 18.99
CA GLU B 100 2.81 -20.49 19.93
C GLU B 100 3.50 -19.18 19.66
N GLY B 101 2.83 -18.13 20.10
CA GLY B 101 3.31 -16.76 19.97
C GLY B 101 3.11 -16.12 18.62
N ALA B 102 2.03 -16.46 17.91
CA ALA B 102 1.83 -15.85 16.60
C ALA B 102 0.60 -14.97 16.60
N LYS B 103 0.81 -13.70 16.25
CA LYS B 103 -0.27 -12.74 16.20
C LYS B 103 -0.93 -12.86 14.81
N VAL B 104 -2.26 -12.95 14.82
CA VAL B 104 -3.02 -13.08 13.58
C VAL B 104 -3.61 -11.75 13.17
N ILE B 105 -3.29 -11.30 11.97
CA ILE B 105 -3.72 -10.01 11.45
C ILE B 105 -4.66 -10.17 10.27
N TYR B 106 -5.72 -9.39 10.28
CA TYR B 106 -6.61 -9.38 9.13
C TYR B 106 -6.41 -8.10 8.32
N LEU B 107 -6.14 -8.23 7.02
CA LEU B 107 -6.01 -7.01 6.22
C LEU B 107 -7.39 -6.53 5.88
N SER B 108 -7.71 -5.29 6.25
CA SER B 108 -9.03 -4.74 5.99
C SER B 108 -9.05 -3.23 6.06
N PRO B 109 -9.85 -2.60 5.20
CA PRO B 109 -9.91 -1.13 5.20
C PRO B 109 -10.57 -0.54 6.44
N GLN B 110 -11.17 -1.43 7.21
CA GLN B 110 -11.81 -1.04 8.45
C GLN B 110 -10.79 -1.17 9.59
N GLY B 111 -9.56 -1.57 9.26
CA GLY B 111 -8.56 -1.74 10.30
C GLY B 111 -7.75 -0.50 10.64
N ARG B 112 -6.78 -0.68 11.52
CA ARG B 112 -5.93 0.43 11.93
C ARG B 112 -5.16 0.90 10.72
N LYS B 113 -5.21 2.20 10.46
CA LYS B 113 -4.54 2.71 9.31
C LYS B 113 -3.04 2.66 9.55
N LEU B 114 -2.32 1.95 8.68
CA LEU B 114 -0.88 1.81 8.74
C LEU B 114 -0.09 3.12 8.51
N ASP B 115 0.92 3.32 9.36
CA ASP B 115 1.90 4.39 9.25
C ASP B 115 3.23 3.84 9.81
N GLN B 116 4.32 4.61 9.72
CA GLN B 116 5.66 4.10 10.12
C GLN B 116 5.76 3.63 11.58
N GLY B 117 5.00 4.27 12.48
CA GLY B 117 4.94 3.84 13.87
C GLY B 117 4.32 2.46 13.98
N GLY B 118 3.29 2.25 13.16
CA GLY B 118 2.59 0.98 13.12
C GLY B 118 3.50 -0.07 12.55
N VAL B 119 4.30 0.30 11.56
CA VAL B 119 5.27 -0.62 10.97
C VAL B 119 6.31 -1.01 12.06
N THR B 120 6.79 -0.07 12.86
CA THR B 120 7.78 -0.48 13.86
C THR B 120 7.18 -1.45 14.93
N GLU B 121 5.93 -1.18 15.28
CA GLU B 121 5.21 -2.00 16.26
C GLU B 121 5.00 -3.40 15.70
N LEU B 122 4.56 -3.48 14.45
CA LEU B 122 4.33 -4.75 13.83
C LEU B 122 5.67 -5.45 13.73
N ALA B 123 6.71 -4.68 13.51
CA ALA B 123 8.04 -5.23 13.36
C ALA B 123 8.51 -5.85 14.66
N GLN B 124 7.74 -5.62 15.74
CA GLN B 124 8.08 -6.20 17.04
C GLN B 124 7.71 -7.71 17.19
N ASN B 125 6.97 -8.24 16.23
CA ASN B 125 6.54 -9.63 16.19
C ASN B 125 7.51 -10.59 15.47
N GLN B 126 7.76 -11.75 16.07
CA GLN B 126 8.65 -12.74 15.45
C GLN B 126 7.94 -13.57 14.39
N LYS B 127 6.64 -13.73 14.60
CA LYS B 127 5.76 -14.47 13.69
C LYS B 127 4.46 -13.73 13.50
N LEU B 128 3.96 -13.69 12.27
CA LEU B 128 2.67 -13.06 11.98
C LEU B 128 1.93 -13.92 10.98
N ILE B 129 0.61 -13.91 11.06
CA ILE B 129 -0.16 -14.61 10.05
C ILE B 129 -1.05 -13.52 9.43
N LEU B 130 -1.02 -13.41 8.12
CA LEU B 130 -1.76 -12.36 7.45
C LEU B 130 -2.90 -12.93 6.67
N VAL B 131 -4.11 -12.55 7.03
CA VAL B 131 -5.26 -13.07 6.32
C VAL B 131 -5.73 -12.07 5.27
N CYS B 132 -5.73 -12.56 4.05
CA CYS B 132 -6.06 -11.78 2.89
C CYS B 132 -7.47 -12.12 2.42
N GLY B 133 -8.37 -11.16 2.47
CA GLY B 133 -9.71 -11.39 2.00
C GLY B 133 -9.87 -11.25 0.49
N ARG B 134 -10.99 -11.75 -0.01
CA ARG B 134 -11.36 -11.58 -1.42
C ARG B 134 -12.88 -11.37 -1.39
N TYR B 135 -13.48 -11.02 -2.53
CA TYR B 135 -14.92 -10.76 -2.59
C TYR B 135 -15.38 -9.63 -1.67
N GLU B 136 -16.46 -9.80 -0.93
CA GLU B 136 -16.89 -8.71 -0.08
C GLU B 136 -16.23 -8.73 1.27
N GLY B 137 -15.38 -9.73 1.49
CA GLY B 137 -14.70 -9.78 2.76
C GLY B 137 -14.94 -11.12 3.41
N ILE B 138 -14.82 -11.16 4.74
CA ILE B 138 -14.98 -12.39 5.46
C ILE B 138 -16.07 -12.30 6.52
N ASP B 139 -16.57 -13.44 6.98
CA ASP B 139 -17.60 -13.46 8.01
C ASP B 139 -17.13 -12.73 9.27
N GLU B 140 -17.94 -11.82 9.77
CA GLU B 140 -17.57 -11.09 10.96
C GLU B 140 -17.17 -11.95 12.17
N ARG B 141 -17.79 -13.11 12.29
CA ARG B 141 -17.52 -13.96 13.43
C ARG B 141 -16.14 -14.60 13.40
N LEU B 142 -15.60 -14.79 12.18
CA LEU B 142 -14.25 -15.32 12.10
C LEU B 142 -13.32 -14.26 12.57
N ILE B 143 -13.68 -13.01 12.29
CA ILE B 143 -12.83 -11.94 12.77
C ILE B 143 -12.85 -11.87 14.30
N GLN B 144 -14.02 -12.01 14.89
CA GLN B 144 -14.08 -11.93 16.35
C GLN B 144 -13.38 -13.09 17.04
N THR B 145 -13.50 -14.27 16.45
CA THR B 145 -12.96 -15.47 17.05
C THR B 145 -11.52 -15.85 16.65
N GLU B 146 -11.02 -15.37 15.52
CA GLU B 146 -9.69 -15.80 15.07
C GLU B 146 -8.67 -14.66 14.89
N ILE B 147 -9.14 -13.42 14.79
CA ILE B 147 -8.25 -12.28 14.51
C ILE B 147 -7.84 -11.50 15.75
N ASP B 148 -6.56 -11.19 15.81
CA ASP B 148 -6.00 -10.40 16.89
C ASP B 148 -6.06 -8.91 16.61
N GLU B 149 -5.68 -8.56 15.39
CA GLU B 149 -5.64 -7.16 14.95
C GLU B 149 -6.04 -7.00 13.52
N GLU B 150 -6.70 -5.88 13.23
CA GLU B 150 -7.05 -5.52 11.85
C GLU B 150 -6.21 -4.35 11.40
N TRP B 151 -5.62 -4.43 10.20
CA TRP B 151 -4.81 -3.33 9.68
C TRP B 151 -5.18 -2.96 8.26
N SER B 152 -5.24 -1.65 7.98
CA SER B 152 -5.50 -1.14 6.64
C SER B 152 -4.24 -0.49 6.09
N ILE B 153 -3.97 -0.65 4.79
CA ILE B 153 -2.84 0.06 4.19
C ILE B 153 -3.22 1.44 3.68
N GLY B 154 -4.51 1.77 3.76
CA GLY B 154 -4.98 3.06 3.29
C GLY B 154 -6.48 3.21 3.11
N ASP B 155 -6.95 4.46 3.02
CA ASP B 155 -8.39 4.75 2.88
C ASP B 155 -8.81 4.63 1.43
N TYR B 156 -8.75 3.40 0.94
CA TYR B 156 -9.13 3.14 -0.44
C TYR B 156 -9.43 1.66 -0.46
N VAL B 157 -10.21 1.21 -1.43
CA VAL B 157 -10.62 -0.17 -1.49
C VAL B 157 -9.97 -0.93 -2.65
N LEU B 158 -9.37 -2.07 -2.31
CA LEU B 158 -8.72 -2.93 -3.29
C LEU B 158 -9.53 -4.20 -3.47
N THR B 159 -9.23 -4.98 -4.51
CA THR B 159 -9.95 -6.22 -4.76
C THR B 159 -9.60 -7.41 -3.85
N GLY B 160 -8.48 -7.33 -3.13
CA GLY B 160 -8.05 -8.42 -2.28
C GLY B 160 -7.01 -7.97 -1.29
N GLY B 161 -6.75 -8.80 -0.28
CA GLY B 161 -5.76 -8.47 0.72
C GLY B 161 -4.31 -8.80 0.44
N GLU B 162 -4.04 -9.42 -0.71
CA GLU B 162 -2.68 -9.79 -1.07
C GLU B 162 -1.78 -8.55 -1.28
N LEU B 163 -2.25 -7.53 -1.98
CA LEU B 163 -1.39 -6.38 -2.10
C LEU B 163 -1.17 -5.74 -0.74
N PRO B 164 -2.25 -5.61 0.03
CA PRO B 164 -1.96 -5.02 1.31
C PRO B 164 -0.98 -5.85 2.12
N ALA B 165 -1.10 -7.17 2.08
CA ALA B 165 -0.20 -8.04 2.85
C ALA B 165 1.23 -7.87 2.38
N MET B 166 1.46 -7.86 1.08
CA MET B 166 2.80 -7.69 0.59
C MET B 166 3.37 -6.34 0.99
N THR B 167 2.52 -5.33 1.02
CA THR B 167 2.95 -4.03 1.43
C THR B 167 3.44 -4.02 2.86
N LEU B 168 2.67 -4.68 3.73
CA LEU B 168 3.01 -4.77 5.15
C LEU B 168 4.35 -5.55 5.30
N ILE B 169 4.43 -6.67 4.61
CA ILE B 169 5.63 -7.47 4.67
C ILE B 169 6.84 -6.66 4.26
N ASP B 170 6.75 -5.91 3.16
CA ASP B 170 7.86 -5.10 2.65
C ASP B 170 8.28 -4.01 3.66
N ALA B 171 7.27 -3.33 4.19
CA ALA B 171 7.53 -2.24 5.11
C ALA B 171 8.26 -2.81 6.31
N VAL B 172 7.80 -3.92 6.87
CA VAL B 172 8.52 -4.47 8.04
C VAL B 172 9.87 -5.09 7.68
N ALA B 173 9.97 -5.66 6.48
CA ALA B 173 11.20 -6.27 6.07
C ALA B 173 12.33 -5.25 6.04
N ARG B 174 12.03 -3.97 5.77
CA ARG B 174 13.16 -2.98 5.79
C ARG B 174 13.75 -2.86 7.20
N PHE B 175 13.01 -3.31 8.20
CA PHE B 175 13.46 -3.25 9.57
C PHE B 175 14.16 -4.48 10.07
N ILE B 176 14.27 -5.50 9.23
CA ILE B 176 14.99 -6.68 9.68
C ILE B 176 16.51 -6.40 9.50
N PRO B 177 17.29 -6.57 10.57
CA PRO B 177 18.74 -6.34 10.48
C PRO B 177 19.41 -7.10 9.33
N GLY B 178 20.22 -6.43 8.53
CA GLY B 178 20.90 -7.14 7.46
C GLY B 178 20.20 -7.21 6.11
N VAL B 179 18.97 -6.73 6.06
CA VAL B 179 18.15 -6.74 4.86
C VAL B 179 18.65 -5.70 3.89
N LEU B 180 18.94 -4.49 4.36
CA LEU B 180 19.42 -3.44 3.45
C LEU B 180 20.92 -3.53 3.21
N GLY B 181 21.67 -3.99 4.20
CA GLY B 181 23.07 -4.28 3.95
C GLY B 181 23.99 -3.78 5.02
N LYS B 182 25.30 -3.86 4.76
CA LYS B 182 26.31 -3.48 5.76
C LYS B 182 26.10 -2.05 6.28
N GLN B 183 25.67 -1.97 7.54
CA GLN B 183 25.47 -0.69 8.20
C GLN B 183 24.55 0.22 7.36
N ALA B 184 23.28 -0.10 7.39
CA ALA B 184 22.27 0.58 6.60
C ALA B 184 21.57 1.59 7.50
N SER B 185 22.25 1.91 8.59
CA SER B 185 21.76 2.86 9.57
C SER B 185 21.73 4.27 8.96
N ALA B 186 22.60 4.48 7.99
CA ALA B 186 22.68 5.76 7.34
C ALA B 186 21.76 5.79 6.14
N GLU B 187 21.16 4.64 5.82
CA GLU B 187 20.25 4.59 4.68
C GLU B 187 19.06 5.51 4.98
N GLU B 188 18.86 6.46 4.07
CA GLU B 188 17.85 7.47 4.23
C GLU B 188 16.64 7.21 3.36
N ASP B 189 15.49 7.20 4.03
CA ASP B 189 14.21 7.07 3.39
C ASP B 189 13.27 7.93 4.24
N SER B 190 12.16 8.34 3.66
CA SER B 190 11.12 9.14 4.31
C SER B 190 10.53 8.45 5.53
N PHE B 191 10.14 9.21 6.54
CA PHE B 191 9.55 8.63 7.76
C PHE B 191 10.50 7.80 8.61
N ALA B 192 11.66 7.49 8.08
CA ALA B 192 12.63 6.68 8.80
C ALA B 192 12.89 7.33 10.15
N ASP B 193 13.13 8.64 10.14
CA ASP B 193 13.37 9.40 11.35
C ASP B 193 12.22 10.36 11.63
N GLY B 194 11.08 10.08 11.02
CA GLY B 194 9.87 10.86 11.20
C GLY B 194 9.78 12.05 10.27
N LEU B 195 10.81 12.26 9.43
CA LEU B 195 10.85 13.39 8.51
C LEU B 195 10.80 12.89 7.08
N LEU B 196 10.33 13.70 6.14
CA LEU B 196 10.38 13.28 4.75
C LEU B 196 11.86 13.30 4.29
N ASP B 197 12.19 12.50 3.30
CA ASP B 197 13.56 12.46 2.80
C ASP B 197 13.92 13.77 2.03
N CYS B 198 15.20 14.08 1.91
CA CYS B 198 15.66 15.25 1.13
C CYS B 198 15.74 14.80 -0.36
N PRO B 199 15.86 15.74 -1.29
CA PRO B 199 15.98 15.37 -2.70
C PRO B 199 17.37 14.74 -2.99
N HIS B 200 17.42 13.86 -3.97
CA HIS B 200 18.67 13.18 -4.32
C HIS B 200 19.11 13.42 -5.76
N TYR B 201 20.41 13.37 -6.00
CA TYR B 201 20.94 13.62 -7.34
C TYR B 201 22.06 12.64 -7.69
N THR B 202 22.16 12.27 -8.96
CA THR B 202 23.26 11.41 -9.41
C THR B 202 23.79 11.88 -10.79
N ARG B 203 24.73 11.14 -11.41
CA ARG B 203 25.28 11.59 -12.70
C ARG B 203 24.09 11.70 -13.66
N PRO B 204 24.14 12.62 -14.65
CA PRO B 204 25.19 13.61 -14.98
C PRO B 204 25.19 14.95 -14.18
N GLU B 205 26.28 15.70 -14.22
CA GLU B 205 26.35 16.97 -13.51
C GLU B 205 25.32 17.95 -14.04
N VAL B 206 25.02 17.84 -15.32
CA VAL B 206 24.02 18.73 -15.89
C VAL B 206 23.23 18.08 -16.98
N LEU B 207 21.90 18.12 -16.87
CA LEU B 207 21.07 17.52 -17.91
C LEU B 207 19.64 18.05 -17.77
N GLU B 208 19.10 18.47 -18.92
CA GLU B 208 17.76 19.07 -19.03
C GLU B 208 17.76 20.48 -18.44
N GLY B 209 18.98 21.04 -18.42
CA GLY B 209 19.24 22.40 -17.94
C GLY B 209 19.30 22.60 -16.43
N LEU B 210 19.04 21.53 -15.69
CA LEU B 210 19.04 21.55 -14.23
C LEU B 210 20.37 21.03 -13.68
N THR B 211 21.06 21.82 -12.86
CA THR B 211 22.35 21.34 -12.35
C THR B 211 22.18 20.73 -10.96
N VAL B 212 23.28 20.27 -10.37
CA VAL B 212 23.25 19.72 -9.03
C VAL B 212 23.72 20.79 -8.03
N PRO B 213 23.02 20.92 -6.90
CA PRO B 213 23.43 21.91 -5.89
C PRO B 213 24.91 21.73 -5.59
N PRO B 214 25.68 22.81 -5.74
CA PRO B 214 27.12 22.81 -5.53
C PRO B 214 27.59 22.18 -4.25
N VAL B 215 26.85 22.34 -3.17
CA VAL B 215 27.28 21.74 -1.93
C VAL B 215 27.48 20.21 -2.05
N LEU B 216 26.66 19.50 -2.83
CA LEU B 216 26.79 18.04 -2.96
C LEU B 216 28.05 17.66 -3.72
N MET B 217 28.60 18.63 -4.44
CA MET B 217 29.84 18.42 -5.18
C MET B 217 31.03 18.99 -4.46
N SER B 218 30.79 19.70 -3.38
CA SER B 218 31.87 20.36 -2.66
C SER B 218 32.83 19.47 -1.93
N GLY B 219 32.40 18.26 -1.56
CA GLY B 219 33.28 17.37 -0.83
C GLY B 219 33.35 17.92 0.60
N HIS B 220 32.59 18.97 0.90
CA HIS B 220 32.65 19.56 2.23
C HIS B 220 31.59 18.83 3.06
N HIS B 221 32.08 17.90 3.85
CA HIS B 221 31.27 16.99 4.64
C HIS B 221 30.26 17.54 5.64
N GLU B 222 30.71 18.56 6.35
CA GLU B 222 29.86 19.14 7.34
C GLU B 222 28.69 19.90 6.69
N GLU B 223 29.01 20.66 5.64
CA GLU B 223 27.99 21.41 4.93
C GLU B 223 27.04 20.45 4.25
N ILE B 224 27.54 19.33 3.73
CA ILE B 224 26.62 18.41 3.07
C ILE B 224 25.65 17.85 4.12
N ARG B 225 26.16 17.48 5.29
CA ARG B 225 25.30 16.98 6.36
C ARG B 225 24.21 18.01 6.72
N LYS B 226 24.62 19.27 6.93
CA LYS B 226 23.64 20.33 7.27
C LYS B 226 22.65 20.62 6.13
N TRP B 227 23.11 20.59 4.89
CA TRP B 227 22.22 20.80 3.75
C TRP B 227 21.18 19.73 3.73
N ARG B 228 21.60 18.48 3.88
CA ARG B 228 20.68 17.34 3.82
C ARG B 228 19.63 17.40 4.91
N LEU B 229 20.07 17.76 6.11
CA LEU B 229 19.17 17.86 7.24
C LEU B 229 18.19 19.00 7.01
N LYS B 230 18.71 20.14 6.56
CA LYS B 230 17.89 21.31 6.26
C LYS B 230 16.86 21.04 5.18
N GLN B 231 17.25 20.30 4.14
CA GLN B 231 16.32 19.95 3.06
C GLN B 231 15.21 19.07 3.58
N SER B 232 15.60 18.13 4.44
CA SER B 232 14.61 17.25 5.00
C SER B 232 13.60 18.03 5.84
N LEU B 233 14.07 18.95 6.68
CA LEU B 233 13.15 19.75 7.52
C LEU B 233 12.26 20.63 6.65
N GLN B 234 12.85 21.29 5.67
CA GLN B 234 12.07 22.13 4.83
C GLN B 234 10.98 21.37 4.07
N ARG B 235 11.34 20.24 3.48
CA ARG B 235 10.36 19.46 2.73
C ARG B 235 9.26 18.92 3.62
N THR B 236 9.61 18.47 4.82
CA THR B 236 8.60 17.97 5.75
C THR B 236 7.65 19.10 6.15
N TRP B 237 8.22 20.26 6.43
CA TRP B 237 7.44 21.42 6.82
C TRP B 237 6.44 21.83 5.74
N LEU B 238 6.92 21.92 4.50
CA LEU B 238 6.05 22.32 3.41
C LEU B 238 5.01 21.29 3.01
N ARG B 239 5.37 20.00 2.98
CA ARG B 239 4.38 19.03 2.54
C ARG B 239 3.61 18.34 3.68
N ARG B 240 4.26 18.01 4.79
CA ARG B 240 3.57 17.28 5.85
C ARG B 240 3.92 17.72 7.28
N PRO B 241 3.61 18.98 7.64
CA PRO B 241 3.85 19.68 8.91
C PRO B 241 3.29 19.00 10.17
N GLU B 242 2.25 18.21 9.97
CA GLU B 242 1.61 17.50 11.07
C GLU B 242 2.65 16.52 11.66
N LEU B 243 3.59 16.04 10.83
CA LEU B 243 4.64 15.16 11.32
C LEU B 243 5.48 15.98 12.29
N LEU B 244 5.61 17.25 11.93
CA LEU B 244 6.35 18.26 12.68
C LEU B 244 5.72 18.54 14.07
N GLU B 245 4.39 18.41 14.17
CA GLU B 245 3.70 18.68 15.45
C GLU B 245 4.16 17.91 16.67
N GLY B 246 4.54 16.65 16.53
CA GLY B 246 4.94 15.96 17.73
C GLY B 246 6.33 15.43 17.60
N LEU B 247 7.26 16.30 17.25
CA LEU B 247 8.64 15.87 17.06
C LEU B 247 9.62 16.38 18.10
N ALA B 248 10.66 15.58 18.31
CA ALA B 248 11.74 15.93 19.22
C ALA B 248 12.86 16.30 18.27
N LEU B 249 13.46 17.45 18.53
CA LEU B 249 14.51 17.99 17.69
C LEU B 249 15.72 18.56 18.44
N THR B 250 16.89 18.44 17.84
CA THR B 250 18.08 19.05 18.41
C THR B 250 17.98 20.57 18.18
N ASP B 251 18.86 21.32 18.84
CA ASP B 251 18.91 22.78 18.71
C ASP B 251 19.20 23.09 17.26
N GLU B 252 20.07 22.27 16.70
CA GLU B 252 20.48 22.39 15.30
C GLU B 252 19.30 22.22 14.37
N GLN B 253 18.46 21.22 14.63
CA GLN B 253 17.31 21.06 13.78
C GLN B 253 16.37 22.26 13.87
N ARG B 254 16.19 22.81 15.07
CA ARG B 254 15.31 23.97 15.23
C ARG B 254 15.82 25.17 14.47
N LYS B 255 17.12 25.37 14.57
CA LYS B 255 17.79 26.48 13.90
C LYS B 255 17.69 26.36 12.40
N LEU B 256 17.98 25.15 11.92
CA LEU B 256 17.99 24.86 10.49
C LEU B 256 16.60 24.99 9.89
N LEU B 257 15.61 24.54 10.65
CA LEU B 257 14.24 24.67 10.23
C LEU B 257 13.82 26.15 10.18
N LYS B 258 14.18 26.93 11.21
CA LYS B 258 13.84 28.35 11.24
C LYS B 258 14.45 29.04 10.02
N GLU B 259 15.67 28.66 9.68
CA GLU B 259 16.28 29.26 8.53
C GLU B 259 15.44 28.92 7.30
N ALA B 260 15.01 27.67 7.20
CA ALA B 260 14.24 27.29 6.04
C ALA B 260 12.87 27.95 5.91
N GLN B 261 12.16 28.07 7.03
CA GLN B 261 10.84 28.70 7.02
C GLN B 261 10.96 30.17 6.72
N ALA B 262 11.98 30.80 7.29
CA ALA B 262 12.16 32.20 7.03
C ALA B 262 12.50 32.42 5.55
N GLU B 263 13.36 31.56 4.99
CA GLU B 263 13.70 31.73 3.59
C GLU B 263 12.60 31.42 2.58
N HIS B 264 11.80 30.37 2.77
CA HIS B 264 10.77 30.19 1.76
C HIS B 264 9.77 31.33 1.84
N ASN B 265 9.45 31.67 3.09
CA ASN B 265 8.53 32.76 3.43
C ASN B 265 9.21 34.07 3.16
N SER B 266 8.49 35.17 3.35
CA SER B 266 9.04 36.48 3.10
C SER B 266 9.83 36.43 1.78
N SFG D . 14.22 7.62 -0.69
CA SFG D . 12.82 7.67 -1.09
C SFG D . 12.06 8.62 -0.16
O SFG D . 11.43 9.55 -0.71
OXT SFG D . 12.15 8.39 1.06
CB SFG D . 12.19 6.28 -0.96
CG SFG D . 12.56 5.43 -2.17
CD SFG D . 12.17 3.96 -1.94
NE SFG D . 13.08 3.36 -0.96
C5' SFG D . 12.24 3.22 -3.28
C4' SFG D . 10.91 3.43 -4.00
O4' SFG D . 9.83 2.90 -3.21
C3' SFG D . 10.53 4.91 -4.12
O3' SFG D . 11.24 5.45 -5.23
C2' SFG D . 9.06 4.76 -4.48
O2' SFG D . 8.95 4.46 -5.87
C1' SFG D . 8.62 3.54 -3.66
N9 SFG D . 7.94 3.93 -2.42
C8 SFG D . 8.45 3.86 -1.18
N7 SFG D . 7.53 4.26 -0.30
C5 SFG D . 6.42 4.57 -0.97
C6 SFG D . 5.17 5.02 -0.60
N6 SFG D . 4.91 5.30 0.68
N1 SFG D . 4.25 5.22 -1.56
C2 SFG D . 4.53 5.01 -2.83
N3 SFG D . 5.72 4.59 -3.22
C4 SFG D . 6.68 4.36 -2.32
N SFG E . -15.34 -3.78 1.75
CA SFG E . -15.00 -5.12 2.25
C SFG E . -14.72 -5.06 3.76
O SFG E . -13.81 -5.78 4.21
OXT SFG E . -15.44 -4.30 4.43
CB SFG E . -13.77 -5.65 1.52
CG SFG E . -13.93 -5.58 0.00
CD SFG E . -12.83 -6.38 -0.70
NE SFG E . -12.97 -7.81 -0.39
C5' SFG E . -11.45 -5.91 -0.24
C4' SFG E . -10.57 -7.13 0.05
O4' SFG E . -9.18 -6.77 0.04
C3' SFG E . -10.79 -7.62 1.48
O3' SFG E . -10.14 -8.87 1.69
C2' SFG E . -10.03 -6.55 2.26
O2' SFG E . -9.53 -7.16 3.46
C1' SFG E . -8.85 -6.25 1.35
N9 SFG E . -8.58 -4.79 1.32
C8 SFG E . -9.14 -3.89 0.50
N7 SFG E . -8.68 -2.67 0.79
C5 SFG E . -7.84 -2.79 1.81
C6 SFG E . -7.08 -1.88 2.55
N6 SFG E . -7.11 -0.58 2.27
N1 SFG E . -6.31 -2.33 3.55
C2 SFG E . -6.27 -3.63 3.84
N3 SFG E . -6.97 -4.51 3.16
C4 SFG E . -7.76 -4.13 2.14
#